data_1WW5
#
_entry.id   1WW5
#
_cell.length_a   47.623
_cell.length_b   57.648
_cell.length_c   64.643
_cell.angle_alpha   89.96
_cell.angle_beta   111.65
_cell.angle_gamma   90.14
#
_symmetry.space_group_name_H-M   'P 1'
#
loop_
_entity.id
_entity.type
_entity.pdbx_description
1 polymer galectin
2 branched 3-O-sulfo-beta-D-galactopyranose-(1-4)-beta-D-glucopyranose
3 water water
#
_entity_poly.entity_id   1
_entity_poly.type   'polypeptide(L)'
_entity_poly.pdbx_seq_one_letter_code
;TTSAVNIYNISAGASVDLAAPVTTGDIVTFFSSALNLSAGAGSPNNTALNLLSENGAYLLHIAFRLQENVIVFNSRQPNA
PWLVEQRVSNVANQFIGSGGKAMVTVFDHGDKYQVVINEKTVIQYTKQISGTTSSLSYNSTEGTSIFSTVVEAVTYTGLA
;
_entity_poly.pdbx_strand_id   A,B,C,D
#
# COMPACT_ATOMS: atom_id res chain seq x y z
N THR A 1 20.19 1.23 -18.15
CA THR A 1 20.95 0.18 -17.43
C THR A 1 20.25 -0.26 -16.15
N THR A 2 19.77 0.72 -15.38
CA THR A 2 19.09 0.44 -14.13
C THR A 2 17.81 1.25 -13.98
N SER A 3 16.88 1.04 -14.89
CA SER A 3 15.59 1.74 -14.87
C SER A 3 14.83 1.34 -13.61
N ALA A 4 13.80 2.12 -13.25
CA ALA A 4 13.05 1.79 -12.04
C ALA A 4 11.53 1.96 -12.17
N VAL A 5 10.81 1.09 -11.48
CA VAL A 5 9.36 1.11 -11.46
C VAL A 5 8.89 1.45 -10.05
N ASN A 6 8.03 2.45 -9.95
CA ASN A 6 7.49 2.87 -8.65
C ASN A 6 5.98 2.91 -8.73
N ILE A 7 5.33 2.38 -7.70
CA ILE A 7 3.88 2.34 -7.67
C ILE A 7 3.28 3.19 -6.54
N TYR A 8 2.28 3.98 -6.88
CA TYR A 8 1.60 4.88 -5.94
C TYR A 8 0.08 4.81 -5.98
N ASN A 9 -0.55 4.91 -4.82
CA ASN A 9 -2.01 4.93 -4.71
C ASN A 9 -2.33 6.37 -4.37
N ILE A 10 -3.03 7.07 -5.27
CA ILE A 10 -3.36 8.46 -5.03
C ILE A 10 -4.86 8.69 -4.75
N SER A 11 -5.19 9.00 -3.50
CA SER A 11 -6.57 9.28 -3.13
C SER A 11 -6.95 10.67 -3.61
N ALA A 12 -8.21 10.84 -4.00
CA ALA A 12 -8.72 12.12 -4.47
C ALA A 12 -8.50 13.16 -3.38
N GLY A 13 -7.98 14.32 -3.77
CA GLY A 13 -7.71 15.39 -2.83
C GLY A 13 -6.28 15.39 -2.34
N ALA A 14 -5.50 14.39 -2.72
CA ALA A 14 -4.12 14.33 -2.24
C ALA A 14 -3.03 14.54 -3.30
N SER A 15 -1.81 14.66 -2.79
CA SER A 15 -0.63 14.82 -3.61
C SER A 15 0.38 13.89 -2.96
N VAL A 16 1.19 13.21 -3.77
CA VAL A 16 2.19 12.28 -3.23
C VAL A 16 3.59 12.67 -3.70
N ASP A 17 4.57 12.48 -2.84
CA ASP A 17 5.95 12.79 -3.19
C ASP A 17 6.57 11.59 -3.88
N LEU A 18 7.11 11.78 -5.08
CA LEU A 18 7.69 10.68 -5.81
C LEU A 18 9.00 10.23 -5.21
N ALA A 19 9.15 8.92 -5.03
CA ALA A 19 10.39 8.37 -4.48
C ALA A 19 11.48 8.60 -5.53
N ALA A 20 11.09 8.60 -6.79
CA ALA A 20 12.01 8.82 -7.90
C ALA A 20 11.42 9.90 -8.80
N PRO A 21 12.16 10.99 -9.00
CA PRO A 21 11.62 12.04 -9.86
C PRO A 21 11.49 11.67 -11.32
N VAL A 22 10.55 12.32 -11.99
CA VAL A 22 10.30 12.09 -13.39
C VAL A 22 10.96 13.20 -14.21
N THR A 23 11.84 12.81 -15.13
CA THR A 23 12.53 13.77 -15.98
C THR A 23 12.46 13.36 -17.45
N THR A 24 13.18 14.10 -18.30
CA THR A 24 13.19 13.85 -19.74
C THR A 24 13.41 12.37 -20.09
N GLY A 25 12.44 11.81 -20.81
CA GLY A 25 12.52 10.42 -21.21
C GLY A 25 11.74 9.47 -20.33
N ASP A 26 11.39 9.89 -19.12
CA ASP A 26 10.63 9.02 -18.21
C ASP A 26 9.14 9.02 -18.52
N ILE A 27 8.41 8.13 -17.86
CA ILE A 27 6.97 7.98 -18.10
C ILE A 27 6.11 7.94 -16.84
N VAL A 28 4.88 8.42 -16.97
CA VAL A 28 3.93 8.40 -15.88
C VAL A 28 2.57 7.94 -16.41
N THR A 29 2.01 6.89 -15.81
CA THR A 29 0.70 6.40 -16.23
C THR A 29 -0.25 6.37 -15.05
N PHE A 30 -1.45 6.87 -15.27
CA PHE A 30 -2.49 6.89 -14.25
C PHE A 30 -3.51 5.85 -14.63
N PHE A 31 -3.93 5.04 -13.67
CA PHE A 31 -4.91 4.00 -13.90
C PHE A 31 -6.18 4.29 -13.10
N SER A 32 -7.32 4.30 -13.78
CA SER A 32 -8.60 4.54 -13.12
C SER A 32 -9.46 3.30 -13.27
N SER A 33 -9.94 2.77 -12.15
CA SER A 33 -10.78 1.58 -12.18
C SER A 33 -12.26 1.87 -12.43
N ALA A 34 -12.57 3.09 -12.86
CA ALA A 34 -13.95 3.48 -13.15
C ALA A 34 -13.99 4.64 -14.12
N LEU A 35 -15.11 4.79 -14.83
CA LEU A 35 -15.27 5.88 -15.79
C LEU A 35 -16.71 6.38 -15.73
N ASN A 36 -16.87 7.67 -15.42
CA ASN A 36 -18.19 8.28 -15.27
C ASN A 36 -18.32 9.49 -16.18
N LEU A 37 -18.61 9.26 -17.46
CA LEU A 37 -18.74 10.34 -18.42
C LEU A 37 -20.01 11.16 -18.27
N SER A 38 -20.84 10.81 -17.28
CA SER A 38 -22.07 11.54 -17.01
C SER A 38 -22.30 11.56 -15.49
N ALA A 39 -21.35 12.15 -14.77
CA ALA A 39 -21.42 12.21 -13.32
C ALA A 39 -21.90 13.57 -12.78
N GLY A 40 -21.71 14.62 -13.58
CA GLY A 40 -22.13 15.94 -13.16
C GLY A 40 -21.20 17.05 -13.62
N ALA A 41 -21.35 18.23 -13.02
CA ALA A 41 -20.51 19.37 -13.40
C ALA A 41 -19.39 19.64 -12.39
N GLY A 42 -18.24 20.06 -12.91
CA GLY A 42 -17.10 20.37 -12.07
C GLY A 42 -17.09 21.84 -11.71
N SER A 43 -16.47 22.18 -10.58
CA SER A 43 -16.41 23.55 -10.12
C SER A 43 -15.06 24.21 -10.31
N PRO A 44 -14.55 24.30 -11.55
CA PRO A 44 -15.12 23.84 -12.83
C PRO A 44 -14.61 22.47 -13.26
N ASN A 45 -13.48 22.05 -12.69
CA ASN A 45 -12.85 20.77 -13.01
C ASN A 45 -13.44 19.55 -12.30
N ASN A 46 -13.98 18.60 -13.06
CA ASN A 46 -14.52 17.38 -12.48
C ASN A 46 -13.38 16.62 -11.80
N THR A 47 -12.27 16.49 -12.52
CA THR A 47 -11.09 15.83 -11.97
C THR A 47 -9.89 16.46 -12.66
N ALA A 48 -8.82 16.63 -11.88
CA ALA A 48 -7.60 17.23 -12.39
C ALA A 48 -6.40 16.40 -11.97
N LEU A 49 -5.47 16.21 -12.89
CA LEU A 49 -4.25 15.47 -12.62
C LEU A 49 -3.12 16.48 -12.78
N ASN A 50 -2.22 16.55 -11.81
CA ASN A 50 -1.14 17.52 -11.87
C ASN A 50 0.26 16.97 -11.64
N LEU A 51 1.20 17.46 -12.43
CA LEU A 51 2.60 17.12 -12.29
C LEU A 51 3.22 18.41 -11.74
N LEU A 52 3.81 18.30 -10.55
CA LEU A 52 4.38 19.47 -9.87
C LEU A 52 5.89 19.41 -9.65
N SER A 53 6.54 20.58 -9.71
CA SER A 53 7.97 20.69 -9.50
C SER A 53 8.30 20.79 -8.02
N GLU A 54 9.58 20.72 -7.69
CA GLU A 54 10.02 20.78 -6.31
C GLU A 54 9.75 22.16 -5.71
N ASN A 55 9.49 23.12 -6.57
CA ASN A 55 9.22 24.48 -6.14
C ASN A 55 7.72 24.73 -6.04
N GLY A 56 6.93 23.70 -6.36
CA GLY A 56 5.48 23.83 -6.29
C GLY A 56 4.81 24.28 -7.58
N ALA A 57 5.59 24.50 -8.63
CA ALA A 57 5.01 24.92 -9.90
C ALA A 57 4.20 23.79 -10.54
N TYR A 58 3.18 24.17 -11.30
CA TYR A 58 2.35 23.20 -11.99
C TYR A 58 2.91 22.97 -13.39
N LEU A 59 3.88 22.06 -13.50
CA LEU A 59 4.51 21.73 -14.77
C LEU A 59 3.44 21.42 -15.79
N LEU A 60 2.55 20.50 -15.43
CA LEU A 60 1.45 20.13 -16.30
C LEU A 60 0.18 19.93 -15.48
N HIS A 61 -0.88 20.58 -15.94
CA HIS A 61 -2.21 20.53 -15.30
C HIS A 61 -3.15 19.91 -16.35
N ILE A 62 -3.84 18.83 -15.97
CA ILE A 62 -4.79 18.17 -16.87
C ILE A 62 -6.17 18.19 -16.22
N ALA A 63 -7.11 18.90 -16.85
CA ALA A 63 -8.45 19.03 -16.30
C ALA A 63 -9.62 18.59 -17.19
N PHE A 64 -10.47 17.74 -16.65
CA PHE A 64 -11.63 17.23 -17.37
C PHE A 64 -12.90 17.94 -16.91
N ARG A 65 -13.54 18.65 -17.84
CA ARG A 65 -14.76 19.38 -17.52
C ARG A 65 -15.94 18.87 -18.35
N LEU A 66 -16.78 18.07 -17.73
CA LEU A 66 -17.95 17.51 -18.39
C LEU A 66 -18.87 18.63 -18.86
N GLN A 67 -19.34 19.45 -17.92
CA GLN A 67 -20.24 20.56 -18.24
C GLN A 67 -19.75 21.38 -19.44
N GLU A 68 -18.42 21.58 -19.54
CA GLU A 68 -17.84 22.34 -20.66
C GLU A 68 -17.35 21.40 -21.77
N ASN A 69 -17.54 20.10 -21.58
CA ASN A 69 -17.11 19.07 -22.54
C ASN A 69 -15.73 19.35 -23.15
N VAL A 70 -14.73 19.53 -22.30
CA VAL A 70 -13.38 19.81 -22.78
C VAL A 70 -12.29 19.32 -21.82
N ILE A 71 -11.07 19.26 -22.32
CA ILE A 71 -9.93 18.85 -21.54
C ILE A 71 -8.94 19.99 -21.63
N VAL A 72 -8.51 20.50 -20.47
CA VAL A 72 -7.58 21.61 -20.45
C VAL A 72 -6.19 21.22 -19.99
N PHE A 73 -5.19 21.78 -20.67
CA PHE A 73 -3.81 21.55 -20.34
C PHE A 73 -3.17 22.91 -20.11
N ASN A 74 -2.59 23.12 -18.93
CA ASN A 74 -1.96 24.39 -18.65
C ASN A 74 -0.81 24.22 -17.67
N SER A 75 -0.21 25.34 -17.28
CA SER A 75 0.91 25.34 -16.34
C SER A 75 0.93 26.67 -15.59
N ARG A 76 1.79 26.77 -14.58
CA ARG A 76 1.95 28.00 -13.80
C ARG A 76 2.95 27.87 -12.67
N GLN A 77 3.62 28.97 -12.35
CA GLN A 77 4.60 28.98 -11.26
C GLN A 77 3.80 29.15 -9.98
N PRO A 78 4.43 28.93 -8.82
CA PRO A 78 3.65 29.09 -7.59
C PRO A 78 3.35 30.58 -7.41
N ASN A 79 2.19 30.88 -6.83
CA ASN A 79 1.79 32.26 -6.60
C ASN A 79 1.98 33.10 -7.86
N ALA A 80 1.30 32.68 -8.91
CA ALA A 80 1.33 33.34 -10.21
C ALA A 80 0.03 32.94 -10.90
N PRO A 81 -0.42 33.73 -11.89
CA PRO A 81 -1.66 33.41 -12.61
C PRO A 81 -1.49 32.23 -13.57
N TRP A 82 -2.60 31.67 -14.05
CA TRP A 82 -2.54 30.54 -14.99
C TRP A 82 -2.03 31.03 -16.35
N LEU A 83 -1.13 30.25 -16.96
CA LEU A 83 -0.56 30.63 -18.25
C LEU A 83 -1.41 30.30 -19.47
N VAL A 84 -0.76 30.13 -20.61
CA VAL A 84 -1.47 29.84 -21.86
C VAL A 84 -2.01 28.43 -21.84
N GLU A 85 -3.33 28.29 -21.91
CA GLU A 85 -3.92 26.98 -21.87
C GLU A 85 -4.35 26.41 -23.21
N GLN A 86 -4.04 25.13 -23.40
CA GLN A 86 -4.40 24.40 -24.59
C GLN A 86 -5.59 23.53 -24.23
N ARG A 87 -6.57 23.44 -25.11
CA ARG A 87 -7.75 22.62 -24.85
C ARG A 87 -8.04 21.61 -25.96
N VAL A 88 -8.79 20.56 -25.60
CA VAL A 88 -9.18 19.51 -26.53
C VAL A 88 -10.68 19.27 -26.34
N SER A 89 -11.44 19.37 -27.41
CA SER A 89 -12.88 19.18 -27.34
C SER A 89 -13.29 17.71 -27.37
N ASN A 90 -14.51 17.42 -26.93
CA ASN A 90 -15.04 16.06 -26.94
C ASN A 90 -14.35 15.15 -25.94
N VAL A 91 -14.90 15.06 -24.72
CA VAL A 91 -14.32 14.21 -23.70
C VAL A 91 -14.53 12.73 -24.02
N ALA A 92 -15.80 12.32 -24.07
CA ALA A 92 -16.15 10.93 -24.37
C ALA A 92 -15.39 10.37 -25.58
N ASN A 93 -15.30 11.17 -26.63
CA ASN A 93 -14.61 10.77 -27.85
C ASN A 93 -13.19 10.30 -27.60
N GLN A 94 -12.61 10.71 -26.48
CA GLN A 94 -11.23 10.32 -26.18
C GLN A 94 -11.18 8.99 -25.44
N PHE A 95 -12.25 8.69 -24.70
CA PHE A 95 -12.31 7.46 -23.93
C PHE A 95 -13.01 6.34 -24.69
N ILE A 96 -13.17 6.52 -25.99
CA ILE A 96 -13.82 5.49 -26.80
C ILE A 96 -12.95 4.24 -26.74
N GLY A 97 -13.53 3.14 -26.29
CA GLY A 97 -12.76 1.92 -26.18
C GLY A 97 -12.28 1.70 -24.76
N SER A 98 -12.96 2.33 -23.80
CA SER A 98 -12.60 2.18 -22.40
C SER A 98 -13.26 0.94 -21.83
N GLY A 99 -14.49 1.09 -21.36
CA GLY A 99 -15.22 -0.05 -20.81
C GLY A 99 -15.04 -0.23 -19.30
N GLY A 100 -15.46 0.78 -18.54
CA GLY A 100 -15.37 0.71 -17.08
C GLY A 100 -14.04 1.12 -16.46
N LYS A 101 -13.09 1.53 -17.28
CA LYS A 101 -11.79 1.93 -16.77
C LYS A 101 -11.00 2.70 -17.80
N ALA A 102 -9.99 3.44 -17.34
CA ALA A 102 -9.20 4.23 -18.26
C ALA A 102 -7.78 4.39 -17.76
N MET A 103 -6.90 4.85 -18.64
CA MET A 103 -5.53 5.09 -18.27
C MET A 103 -5.03 6.28 -19.04
N VAL A 104 -4.27 7.12 -18.36
CA VAL A 104 -3.72 8.32 -18.96
C VAL A 104 -2.22 8.22 -18.84
N THR A 105 -1.54 8.40 -19.96
CA THR A 105 -0.09 8.30 -19.93
C THR A 105 0.51 9.63 -20.32
N VAL A 106 1.63 9.95 -19.67
CA VAL A 106 2.34 11.17 -19.94
C VAL A 106 3.80 10.81 -20.21
N PHE A 107 4.27 11.15 -21.40
CA PHE A 107 5.65 10.91 -21.77
C PHE A 107 6.35 12.26 -21.62
N ASP A 108 7.49 12.28 -20.94
CA ASP A 108 8.23 13.53 -20.79
C ASP A 108 9.30 13.58 -21.89
N HIS A 109 8.94 14.23 -22.99
CA HIS A 109 9.84 14.37 -24.14
C HIS A 109 10.79 15.55 -23.97
N GLY A 110 11.28 15.75 -22.75
CA GLY A 110 12.20 16.85 -22.49
C GLY A 110 11.66 18.26 -22.69
N ASP A 111 11.42 18.62 -23.96
CA ASP A 111 10.90 19.94 -24.27
C ASP A 111 9.40 19.92 -24.48
N LYS A 112 8.80 18.74 -24.28
CA LYS A 112 7.35 18.59 -24.43
C LYS A 112 6.79 17.44 -23.60
N TYR A 113 5.46 17.41 -23.47
CA TYR A 113 4.74 16.36 -22.72
C TYR A 113 3.73 15.72 -23.67
N GLN A 114 3.85 14.43 -23.93
CA GLN A 114 2.91 13.75 -24.81
C GLN A 114 1.86 13.08 -23.93
N VAL A 115 0.60 13.46 -24.11
CA VAL A 115 -0.47 12.88 -23.31
C VAL A 115 -1.29 11.88 -24.08
N VAL A 116 -1.38 10.66 -23.55
CA VAL A 116 -2.15 9.61 -24.21
C VAL A 116 -3.27 9.06 -23.33
N ILE A 117 -4.46 8.89 -23.92
CA ILE A 117 -5.59 8.34 -23.18
C ILE A 117 -5.84 6.96 -23.77
N ASN A 118 -5.49 5.93 -23.01
CA ASN A 118 -5.61 4.55 -23.47
C ASN A 118 -4.58 4.39 -24.59
N GLU A 119 -5.02 4.29 -25.84
CA GLU A 119 -4.05 4.16 -26.94
C GLU A 119 -4.04 5.38 -27.85
N LYS A 120 -4.91 6.34 -27.54
CA LYS A 120 -5.04 7.54 -28.35
C LYS A 120 -4.27 8.77 -27.83
N THR A 121 -3.37 9.29 -28.67
CA THR A 121 -2.61 10.50 -28.32
C THR A 121 -3.57 11.68 -28.48
N VAL A 122 -3.85 12.40 -27.41
CA VAL A 122 -4.77 13.54 -27.49
C VAL A 122 -4.09 14.89 -27.77
N ILE A 123 -2.82 15.01 -27.39
CA ILE A 123 -2.11 16.25 -27.62
C ILE A 123 -0.62 16.15 -27.35
N GLN A 124 0.13 16.98 -28.07
CA GLN A 124 1.58 17.09 -27.88
C GLN A 124 1.71 18.46 -27.22
N TYR A 125 1.94 18.47 -25.91
CA TYR A 125 2.06 19.71 -25.15
C TYR A 125 3.46 20.28 -25.10
N THR A 126 3.57 21.58 -25.36
CA THR A 126 4.86 22.25 -25.31
C THR A 126 5.07 22.79 -23.89
N LYS A 127 6.16 22.40 -23.27
CA LYS A 127 6.45 22.84 -21.91
C LYS A 127 6.56 24.36 -21.81
N GLN A 128 5.76 24.95 -20.92
CA GLN A 128 5.82 26.39 -20.71
C GLN A 128 6.80 26.62 -19.57
N ILE A 129 6.99 25.58 -18.78
CA ILE A 129 7.90 25.59 -17.65
C ILE A 129 8.65 24.28 -17.73
N SER A 130 9.94 24.31 -17.43
CA SER A 130 10.74 23.10 -17.51
C SER A 130 11.06 22.60 -16.11
N GLY A 131 11.70 21.43 -16.04
CA GLY A 131 12.07 20.89 -14.74
C GLY A 131 11.56 19.49 -14.52
N THR A 132 12.09 18.86 -13.49
CA THR A 132 11.72 17.50 -13.13
C THR A 132 10.47 17.46 -12.25
N THR A 133 9.70 16.38 -12.36
CA THR A 133 8.48 16.21 -11.58
C THR A 133 8.83 15.47 -10.28
N SER A 134 8.48 16.07 -9.14
CA SER A 134 8.80 15.46 -7.85
C SER A 134 7.59 15.07 -7.05
N SER A 135 6.41 15.49 -7.49
CA SER A 135 5.19 15.14 -6.79
C SER A 135 4.00 15.23 -7.74
N LEU A 136 2.95 14.45 -7.44
CA LEU A 136 1.75 14.38 -8.27
C LEU A 136 0.50 14.56 -7.43
N SER A 137 -0.51 15.22 -8.00
CA SER A 137 -1.76 15.42 -7.28
C SER A 137 -2.98 15.07 -8.13
N TYR A 138 -4.00 14.57 -7.44
CA TYR A 138 -5.28 14.17 -8.04
C TYR A 138 -6.36 14.94 -7.27
N ASN A 139 -6.91 15.97 -7.90
CA ASN A 139 -7.96 16.81 -7.29
C ASN A 139 -9.29 16.59 -7.98
N SER A 140 -10.37 16.68 -7.21
CA SER A 140 -11.70 16.47 -7.73
C SER A 140 -12.73 17.46 -7.21
N THR A 141 -13.88 17.51 -7.88
CA THR A 141 -14.99 18.33 -7.43
C THR A 141 -15.77 17.25 -6.69
N GLU A 142 -16.09 17.51 -5.43
CA GLU A 142 -16.81 16.55 -4.60
C GLU A 142 -17.95 15.84 -5.31
N GLY A 143 -17.82 14.51 -5.41
CA GLY A 143 -18.86 13.69 -6.01
C GLY A 143 -19.03 13.67 -7.52
N THR A 144 -18.27 14.46 -8.27
CA THR A 144 -18.45 14.45 -9.72
C THR A 144 -17.18 14.12 -10.50
N SER A 145 -16.29 13.34 -9.90
CA SER A 145 -15.05 12.97 -10.57
C SER A 145 -15.33 11.84 -11.57
N ILE A 146 -14.68 11.90 -12.74
CA ILE A 146 -14.87 10.88 -13.75
C ILE A 146 -13.99 9.65 -13.53
N PHE A 147 -13.15 9.70 -12.49
CA PHE A 147 -12.27 8.58 -12.15
C PHE A 147 -12.63 8.04 -10.76
N SER A 148 -12.07 6.88 -10.42
CA SER A 148 -12.28 6.25 -9.13
C SER A 148 -11.72 7.15 -8.02
N THR A 149 -12.19 6.95 -6.79
CA THR A 149 -11.72 7.77 -5.67
C THR A 149 -10.22 7.58 -5.45
N VAL A 150 -9.72 6.40 -5.79
CA VAL A 150 -8.29 6.15 -5.67
C VAL A 150 -7.78 5.85 -7.07
N VAL A 151 -6.73 6.56 -7.47
CA VAL A 151 -6.14 6.37 -8.79
C VAL A 151 -4.73 5.83 -8.60
N GLU A 152 -4.39 4.79 -9.34
CA GLU A 152 -3.06 4.21 -9.26
C GLU A 152 -2.14 4.90 -10.26
N ALA A 153 -0.89 5.11 -9.84
CA ALA A 153 0.09 5.74 -10.69
C ALA A 153 1.37 4.93 -10.69
N VAL A 154 1.86 4.66 -11.90
CA VAL A 154 3.09 3.90 -12.12
C VAL A 154 4.07 4.79 -12.88
N THR A 155 5.29 4.92 -12.37
CA THR A 155 6.28 5.72 -13.07
C THR A 155 7.42 4.82 -13.52
N TYR A 156 7.93 5.12 -14.70
CA TYR A 156 9.07 4.39 -15.28
C TYR A 156 10.15 5.47 -15.42
N THR A 157 11.17 5.42 -14.57
CA THR A 157 12.23 6.43 -14.61
C THR A 157 13.61 5.85 -14.85
N GLY A 158 14.56 6.73 -15.16
CA GLY A 158 15.92 6.31 -15.40
C GLY A 158 16.03 5.58 -16.72
N LEU A 159 15.26 6.03 -17.70
CA LEU A 159 15.26 5.40 -19.01
C LEU A 159 16.37 6.00 -19.87
N ALA A 160 15.98 6.66 -20.95
CA ALA A 160 16.94 7.28 -21.87
C ALA A 160 17.84 8.27 -21.14
N THR B 1 -14.64 -13.78 18.31
CA THR B 1 -14.33 -15.09 17.66
C THR B 1 -13.54 -14.90 16.37
N THR B 2 -13.89 -13.87 15.61
CA THR B 2 -13.21 -13.59 14.34
C THR B 2 -12.95 -12.10 14.15
N SER B 3 -12.20 -11.52 15.08
CA SER B 3 -11.84 -10.11 15.02
C SER B 3 -11.05 -9.84 13.74
N ALA B 4 -10.86 -8.57 13.40
CA ALA B 4 -10.14 -8.22 12.17
C ALA B 4 -9.26 -6.97 12.28
N VAL B 5 -8.14 -7.02 11.57
CA VAL B 5 -7.18 -5.93 11.51
C VAL B 5 -7.11 -5.40 10.09
N ASN B 6 -7.26 -4.09 9.92
CA ASN B 6 -7.17 -3.46 8.61
C ASN B 6 -6.20 -2.31 8.70
N ILE B 7 -5.39 -2.15 7.66
CA ILE B 7 -4.37 -1.10 7.63
C ILE B 7 -4.64 -0.11 6.51
N TYR B 8 -4.50 1.19 6.83
CA TYR B 8 -4.74 2.24 5.85
C TYR B 8 -3.69 3.31 5.89
N ASN B 9 -3.34 3.83 4.71
CA ASN B 9 -2.39 4.91 4.61
C ASN B 9 -3.23 6.11 4.26
N ILE B 10 -3.22 7.14 5.08
CA ILE B 10 -4.02 8.31 4.77
C ILE B 10 -3.19 9.56 4.48
N SER B 11 -3.21 10.02 3.23
CA SER B 11 -2.47 11.21 2.88
C SER B 11 -3.30 12.40 3.33
N ALA B 12 -2.62 13.48 3.72
CA ALA B 12 -3.27 14.71 4.15
C ALA B 12 -4.18 15.21 3.02
N GLY B 13 -5.41 15.57 3.37
CA GLY B 13 -6.35 16.06 2.39
C GLY B 13 -7.30 14.96 1.92
N ALA B 14 -7.05 13.73 2.32
CA ALA B 14 -7.92 12.65 1.87
C ALA B 14 -8.79 12.02 2.93
N SER B 15 -9.72 11.19 2.45
CA SER B 15 -10.63 10.43 3.29
C SER B 15 -10.60 9.05 2.66
N VAL B 16 -10.64 8.02 3.49
CA VAL B 16 -10.62 6.65 2.97
C VAL B 16 -11.84 5.87 3.44
N ASP B 17 -12.34 4.99 2.59
CA ASP B 17 -13.49 4.18 2.93
C ASP B 17 -13.02 2.92 3.64
N LEU B 18 -13.52 2.70 4.85
CA LEU B 18 -13.13 1.55 5.63
C LEU B 18 -13.67 0.25 5.04
N ALA B 19 -12.79 -0.75 4.94
CA ALA B 19 -13.18 -2.05 4.40
C ALA B 19 -14.08 -2.69 5.44
N ALA B 20 -13.87 -2.33 6.69
CA ALA B 20 -14.67 -2.85 7.80
C ALA B 20 -15.09 -1.66 8.66
N PRO B 21 -16.40 -1.50 8.87
CA PRO B 21 -16.86 -0.38 9.69
C PRO B 21 -16.48 -0.51 11.15
N VAL B 22 -16.33 0.64 11.80
CA VAL B 22 -15.99 0.71 13.21
C VAL B 22 -17.25 0.98 14.02
N THR B 23 -17.57 0.09 14.95
CA THR B 23 -18.76 0.24 15.78
C THR B 23 -18.41 0.05 17.26
N THR B 24 -19.45 0.05 18.09
CA THR B 24 -19.29 -0.10 19.55
C THR B 24 -18.34 -1.25 19.90
N GLY B 25 -17.30 -0.93 20.67
CA GLY B 25 -16.34 -1.93 21.08
C GLY B 25 -15.08 -2.01 20.23
N ASP B 26 -15.12 -1.47 19.01
CA ASP B 26 -13.96 -1.50 18.13
C ASP B 26 -12.99 -0.37 18.41
N ILE B 27 -11.81 -0.44 17.77
CA ILE B 27 -10.75 0.55 17.98
C ILE B 27 -10.12 1.13 16.72
N VAL B 28 -9.73 2.40 16.82
CA VAL B 28 -9.07 3.07 15.71
C VAL B 28 -7.83 3.78 16.23
N THR B 29 -6.67 3.49 15.64
CA THR B 29 -5.44 4.16 16.06
C THR B 29 -4.76 4.82 14.87
N PHE B 30 -4.31 6.05 15.08
CA PHE B 30 -3.61 6.78 14.04
C PHE B 30 -2.15 6.84 14.45
N PHE B 31 -1.26 6.63 13.49
CA PHE B 31 0.18 6.66 13.74
C PHE B 31 0.80 7.77 12.89
N SER B 32 1.57 8.65 13.52
CA SER B 32 2.25 9.73 12.83
C SER B 32 3.74 9.51 13.00
N SER B 33 4.48 9.61 11.91
CA SER B 33 5.93 9.40 11.95
C SER B 33 6.70 10.68 12.22
N ALA B 34 6.00 11.74 12.63
CA ALA B 34 6.65 13.01 12.93
C ALA B 34 5.81 13.82 13.90
N LEU B 35 6.45 14.76 14.59
CA LEU B 35 5.75 15.63 15.54
C LEU B 35 6.30 17.05 15.44
N ASN B 36 5.44 18.00 15.06
CA ASN B 36 5.85 19.38 14.89
C ASN B 36 5.02 20.31 15.78
N LEU B 37 5.41 20.42 17.05
CA LEU B 37 4.69 21.26 17.98
C LEU B 37 4.94 22.76 17.81
N SER B 38 5.72 23.11 16.78
CA SER B 38 6.03 24.51 16.49
C SER B 38 6.17 24.66 14.97
N ALA B 39 5.11 24.32 14.24
CA ALA B 39 5.14 24.41 12.78
C ALA B 39 4.45 25.65 12.21
N GLY B 40 3.51 26.21 12.98
CA GLY B 40 2.81 27.39 12.50
C GLY B 40 1.37 27.48 12.94
N ALA B 41 0.60 28.34 12.30
CA ALA B 41 -0.80 28.52 12.63
C ALA B 41 -1.75 27.86 11.64
N GLY B 42 -2.82 27.29 12.16
CA GLY B 42 -3.81 26.63 11.33
C GLY B 42 -4.93 27.60 10.98
N SER B 43 -5.60 27.35 9.86
CA SER B 43 -6.68 28.21 9.41
C SER B 43 -8.07 27.61 9.60
N PRO B 44 -8.44 27.30 10.85
CA PRO B 44 -7.73 27.43 12.12
C PRO B 44 -7.03 26.13 12.56
N ASN B 45 -7.52 25.00 12.06
CA ASN B 45 -6.99 23.69 12.41
C ASN B 45 -5.68 23.29 11.71
N ASN B 46 -4.61 23.11 12.47
CA ASN B 46 -3.33 22.69 11.89
C ASN B 46 -3.51 21.28 11.33
N THR B 47 -4.20 20.47 12.13
CA THR B 47 -4.44 19.07 11.81
C THR B 47 -5.81 18.66 12.30
N ALA B 48 -6.53 17.91 11.49
CA ALA B 48 -7.85 17.44 11.86
C ALA B 48 -8.03 15.97 11.47
N LEU B 49 -8.52 15.17 12.42
CA LEU B 49 -8.77 13.76 12.17
C LEU B 49 -10.28 13.61 12.34
N ASN B 50 -10.92 12.97 11.37
CA ASN B 50 -12.37 12.83 11.43
C ASN B 50 -12.88 11.40 11.25
N LEU B 51 -13.87 11.06 12.06
CA LEU B 51 -14.56 9.78 11.98
C LEU B 51 -15.91 10.15 11.37
N LEU B 52 -16.21 9.59 10.20
CA LEU B 52 -17.45 9.92 9.48
C LEU B 52 -18.42 8.76 9.28
N SER B 53 -19.72 9.08 9.32
CA SER B 53 -20.77 8.09 9.12
C SER B 53 -21.07 7.92 7.64
N GLU B 54 -21.80 6.86 7.32
CA GLU B 54 -22.14 6.54 5.93
C GLU B 54 -22.95 7.66 5.27
N ASN B 55 -23.57 8.49 6.11
CA ASN B 55 -24.39 9.59 5.64
C ASN B 55 -23.58 10.88 5.50
N GLY B 56 -22.32 10.82 5.90
CA GLY B 56 -21.46 11.99 5.80
C GLY B 56 -21.36 12.81 7.07
N ALA B 57 -22.00 12.34 8.13
CA ALA B 57 -21.95 13.06 9.41
C ALA B 57 -20.59 12.94 10.08
N TYR B 58 -20.19 13.99 10.79
CA TYR B 58 -18.92 13.98 11.50
C TYR B 58 -19.13 13.46 12.91
N LEU B 59 -19.15 12.13 13.05
CA LEU B 59 -19.32 11.48 14.34
C LEU B 59 -18.36 12.08 15.34
N LEU B 60 -17.09 12.14 14.97
CA LEU B 60 -16.06 12.72 15.82
C LEU B 60 -15.07 13.51 15.00
N HIS B 61 -14.80 14.73 15.45
CA HIS B 61 -13.88 15.67 14.81
C HIS B 61 -12.83 16.02 15.86
N ILE B 62 -11.56 15.78 15.53
CA ILE B 62 -10.45 16.07 16.42
C ILE B 62 -9.55 17.09 15.72
N ALA B 63 -9.42 18.27 16.31
CA ALA B 63 -8.63 19.34 15.70
C ALA B 63 -7.55 19.92 16.60
N PHE B 64 -6.34 20.02 16.08
CA PHE B 64 -5.22 20.56 16.83
C PHE B 64 -4.91 21.96 16.36
N ARG B 65 -5.01 22.91 17.28
CA ARG B 65 -4.77 24.32 16.98
C ARG B 65 -3.59 24.88 17.78
N LEU B 66 -2.43 24.95 17.15
CA LEU B 66 -1.23 25.47 17.79
C LEU B 66 -1.41 26.94 18.22
N GLN B 67 -1.72 27.82 17.27
CA GLN B 67 -1.92 29.24 17.57
C GLN B 67 -2.85 29.45 18.77
N GLU B 68 -3.90 28.63 18.87
CA GLU B 68 -4.85 28.72 19.97
C GLU B 68 -4.51 27.71 21.08
N ASN B 69 -3.39 27.02 20.93
CA ASN B 69 -2.92 26.02 21.90
C ASN B 69 -4.04 25.16 22.49
N VAL B 70 -4.87 24.56 21.65
CA VAL B 70 -5.97 23.74 22.15
C VAL B 70 -6.32 22.59 21.20
N ILE B 71 -7.05 21.62 21.74
CA ILE B 71 -7.52 20.48 20.97
C ILE B 71 -9.03 20.51 21.08
N VAL B 72 -9.71 20.46 19.95
CA VAL B 72 -11.16 20.51 19.93
C VAL B 72 -11.81 19.21 19.50
N PHE B 73 -12.93 18.88 20.14
CA PHE B 73 -13.68 17.69 19.83
C PHE B 73 -15.13 18.10 19.57
N ASN B 74 -15.64 17.81 18.37
CA ASN B 74 -17.00 18.19 18.06
C ASN B 74 -17.63 17.18 17.11
N SER B 75 -18.86 17.47 16.69
CA SER B 75 -19.61 16.63 15.78
C SER B 75 -20.62 17.49 14.98
N ARG B 76 -21.26 16.89 13.98
CA ARG B 76 -22.25 17.60 13.16
C ARG B 76 -22.83 16.72 12.05
N GLN B 77 -24.09 16.92 11.73
CA GLN B 77 -24.74 16.17 10.66
C GLN B 77 -24.32 16.87 9.37
N PRO B 78 -24.50 16.21 8.23
CA PRO B 78 -24.11 16.86 6.97
C PRO B 78 -24.99 18.08 6.73
N ASN B 79 -24.42 19.13 6.15
CA ASN B 79 -25.18 20.34 5.87
C ASN B 79 -25.94 20.80 7.10
N ALA B 80 -25.18 21.02 8.18
CA ALA B 80 -25.73 21.47 9.45
C ALA B 80 -24.59 22.20 10.15
N PRO B 81 -24.90 23.07 11.11
CA PRO B 81 -23.84 23.80 11.83
C PRO B 81 -23.09 22.90 12.81
N TRP B 82 -21.95 23.38 13.31
CA TRP B 82 -21.15 22.61 14.26
C TRP B 82 -21.86 22.58 15.62
N LEU B 83 -21.88 21.42 16.27
CA LEU B 83 -22.57 21.27 17.55
C LEU B 83 -21.79 21.75 18.77
N VAL B 84 -22.09 21.16 19.92
CA VAL B 84 -21.44 21.53 21.18
C VAL B 84 -20.02 21.00 21.17
N GLU B 85 -19.04 21.90 21.26
CA GLU B 85 -17.66 21.45 21.22
C GLU B 85 -16.95 21.44 22.56
N GLN B 86 -16.23 20.34 22.78
CA GLN B 86 -15.45 20.15 24.00
C GLN B 86 -14.02 20.46 23.63
N ARG B 87 -13.29 21.11 24.52
CA ARG B 87 -11.90 21.45 24.27
C ARG B 87 -10.95 21.07 25.40
N VAL B 88 -9.70 20.82 25.04
CA VAL B 88 -8.66 20.46 25.99
C VAL B 88 -7.50 21.42 25.76
N SER B 89 -7.00 22.05 26.82
CA SER B 89 -5.90 23.00 26.71
C SER B 89 -4.54 22.35 26.81
N ASN B 90 -3.50 23.04 26.34
CA ASN B 90 -2.13 22.54 26.39
C ASN B 90 -1.90 21.39 25.41
N VAL B 91 -1.47 21.71 24.19
CA VAL B 91 -1.21 20.68 23.19
C VAL B 91 0.03 19.86 23.54
N ALA B 92 1.18 20.53 23.62
CA ALA B 92 2.44 19.86 23.94
C ALA B 92 2.29 18.96 25.17
N ASN B 93 1.66 19.49 26.22
CA ASN B 93 1.46 18.72 27.45
C ASN B 93 0.89 17.34 27.20
N GLN B 94 0.19 17.17 26.08
CA GLN B 94 -0.42 15.88 25.79
C GLN B 94 0.54 14.93 25.08
N PHE B 95 1.48 15.49 24.33
CA PHE B 95 2.45 14.70 23.59
C PHE B 95 3.74 14.48 24.37
N ILE B 96 3.71 14.75 25.67
CA ILE B 96 4.90 14.56 26.50
C ILE B 96 5.22 13.07 26.49
N GLY B 97 6.43 12.74 26.07
CA GLY B 97 6.80 11.34 26.00
C GLY B 97 6.65 10.81 24.58
N SER B 98 6.71 11.70 23.60
CA SER B 98 6.62 11.33 22.20
C SER B 98 7.99 10.99 21.65
N GLY B 99 8.71 12.01 21.20
CA GLY B 99 10.04 11.79 20.65
C GLY B 99 10.06 11.47 19.16
N GLY B 100 9.62 12.43 18.35
CA GLY B 100 9.61 12.25 16.91
C GLY B 100 8.43 11.52 16.28
N LYS B 101 7.45 11.12 17.09
CA LYS B 101 6.30 10.41 16.57
C LYS B 101 5.16 10.37 17.58
N ALA B 102 3.96 10.05 17.12
CA ALA B 102 2.82 10.02 18.01
C ALA B 102 1.72 9.10 17.55
N MET B 103 0.84 8.74 18.48
CA MET B 103 -0.31 7.92 18.12
C MET B 103 -1.52 8.39 18.87
N VAL B 104 -2.65 8.40 18.16
CA VAL B 104 -3.92 8.81 18.72
C VAL B 104 -4.82 7.61 18.60
N THR B 105 -5.40 7.20 19.72
CA THR B 105 -6.30 6.06 19.73
C THR B 105 -7.70 6.50 20.10
N VAL B 106 -8.68 5.91 19.43
CA VAL B 106 -10.07 6.21 19.68
C VAL B 106 -10.79 4.90 19.99
N PHE B 107 -11.33 4.82 21.21
CA PHE B 107 -12.08 3.64 21.62
C PHE B 107 -13.56 4.00 21.45
N ASP B 108 -14.32 3.16 20.77
CA ASP B 108 -15.75 3.43 20.60
C ASP B 108 -16.52 2.68 21.70
N HIS B 109 -16.74 3.39 22.81
CA HIS B 109 -17.48 2.83 23.94
C HIS B 109 -18.99 2.96 23.73
N GLY B 110 -19.45 2.67 22.52
CA GLY B 110 -20.87 2.73 22.20
C GLY B 110 -21.58 4.06 22.40
N ASP B 111 -21.67 4.52 23.64
CA ASP B 111 -22.33 5.77 23.95
C ASP B 111 -21.32 6.88 24.15
N LYS B 112 -20.05 6.55 23.97
CA LYS B 112 -18.97 7.52 24.11
C LYS B 112 -17.71 7.16 23.29
N TYR B 113 -16.82 8.13 23.13
CA TYR B 113 -15.56 7.95 22.41
C TYR B 113 -14.42 8.29 23.36
N GLN B 114 -13.54 7.32 23.65
CA GLN B 114 -12.41 7.59 24.54
C GLN B 114 -11.21 7.90 23.66
N VAL B 115 -10.65 9.09 23.82
CA VAL B 115 -9.52 9.47 23.00
C VAL B 115 -8.24 9.43 23.82
N VAL B 116 -7.24 8.73 23.28
CA VAL B 116 -5.95 8.60 23.95
C VAL B 116 -4.79 9.02 23.07
N ILE B 117 -3.87 9.78 23.65
CA ILE B 117 -2.69 10.24 22.92
C ILE B 117 -1.51 9.53 23.55
N ASN B 118 -0.94 8.57 22.80
CA ASN B 118 0.15 7.76 23.31
C ASN B 118 -0.46 6.94 24.44
N GLU B 119 -0.06 7.18 25.69
CA GLU B 119 -0.63 6.40 26.79
C GLU B 119 -1.55 7.23 27.67
N LYS B 120 -1.67 8.51 27.35
CA LYS B 120 -2.48 9.43 28.13
C LYS B 120 -3.90 9.70 27.62
N THR B 121 -4.91 9.34 28.41
CA THR B 121 -6.31 9.60 28.05
C THR B 121 -6.51 11.12 28.19
N VAL B 122 -6.93 11.79 27.12
CA VAL B 122 -7.14 13.24 27.17
C VAL B 122 -8.60 13.63 27.39
N ILE B 123 -9.53 12.74 27.06
CA ILE B 123 -10.93 13.06 27.25
C ILE B 123 -11.85 11.88 26.99
N GLN B 124 -12.99 11.89 27.66
CA GLN B 124 -14.02 10.88 27.48
C GLN B 124 -15.13 11.67 26.78
N TYR B 125 -15.24 11.52 25.47
CA TYR B 125 -16.23 12.24 24.69
C TYR B 125 -17.59 11.56 24.64
N THR B 126 -18.64 12.35 24.88
CA THR B 126 -20.01 11.84 24.83
C THR B 126 -20.53 12.02 23.41
N LYS B 127 -20.98 10.94 22.80
CA LYS B 127 -21.49 11.00 21.43
C LYS B 127 -22.70 11.91 21.29
N GLN B 128 -22.59 12.89 20.41
CA GLN B 128 -23.70 13.81 20.16
C GLN B 128 -24.52 13.19 19.05
N ILE B 129 -23.86 12.33 18.28
CA ILE B 129 -24.47 11.64 17.17
C ILE B 129 -23.99 10.20 17.30
N SER B 130 -24.84 9.24 16.97
CA SER B 130 -24.46 7.85 17.07
C SER B 130 -24.32 7.24 15.68
N GLY B 131 -23.93 5.96 15.64
CA GLY B 131 -23.77 5.28 14.38
C GLY B 131 -22.39 4.72 14.19
N THR B 132 -22.24 3.88 13.16
CA THR B 132 -20.96 3.25 12.86
C THR B 132 -20.10 4.16 11.97
N THR B 133 -18.79 4.00 12.07
CA THR B 133 -17.86 4.78 11.27
C THR B 133 -17.53 4.01 10.01
N SER B 134 -17.71 4.65 8.85
CA SER B 134 -17.46 3.98 7.58
C SER B 134 -16.33 4.57 6.78
N SER B 135 -15.90 5.77 7.15
CA SER B 135 -14.79 6.42 6.47
C SER B 135 -14.05 7.35 7.44
N LEU B 136 -12.79 7.64 7.11
CA LEU B 136 -11.94 8.50 7.93
C LEU B 136 -11.21 9.50 7.06
N SER B 137 -11.04 10.72 7.57
CA SER B 137 -10.35 11.77 6.82
C SER B 137 -9.29 12.46 7.68
N TYR B 138 -8.25 12.91 6.99
CA TYR B 138 -7.12 13.60 7.62
C TYR B 138 -6.93 14.89 6.84
N ASN B 139 -7.33 16.00 7.44
CA ASN B 139 -7.22 17.31 6.82
C ASN B 139 -6.16 18.16 7.50
N SER B 140 -5.52 19.03 6.72
CA SER B 140 -4.49 19.90 7.26
C SER B 140 -4.54 21.29 6.67
N THR B 141 -3.84 22.20 7.33
CA THR B 141 -3.69 23.55 6.84
C THR B 141 -2.36 23.42 6.14
N GLU B 142 -2.32 23.77 4.86
CA GLU B 142 -1.11 23.66 4.05
C GLU B 142 0.18 24.05 4.75
N GLY B 143 1.07 23.07 4.94
CA GLY B 143 2.37 23.33 5.54
C GLY B 143 2.51 23.48 7.05
N THR B 144 1.41 23.43 7.79
CA THR B 144 1.51 23.58 9.23
C THR B 144 0.91 22.44 10.04
N SER B 145 0.88 21.24 9.46
CA SER B 145 0.33 20.09 10.17
C SER B 145 1.35 19.59 11.19
N ILE B 146 0.87 19.12 12.33
CA ILE B 146 1.75 18.62 13.38
C ILE B 146 2.06 17.14 13.18
N PHE B 147 1.46 16.53 12.16
CA PHE B 147 1.68 15.13 11.84
C PHE B 147 2.31 14.99 10.44
N SER B 148 2.83 13.80 10.15
CA SER B 148 3.44 13.52 8.85
C SER B 148 2.43 13.69 7.72
N THR B 149 2.91 13.87 6.50
CA THR B 149 2.02 14.04 5.35
C THR B 149 1.17 12.79 5.13
N VAL B 150 1.69 11.64 5.52
CA VAL B 150 0.94 10.39 5.40
C VAL B 150 0.77 9.89 6.83
N VAL B 151 -0.47 9.54 7.19
CA VAL B 151 -0.74 9.02 8.52
C VAL B 151 -1.27 7.61 8.37
N GLU B 152 -0.77 6.69 9.19
CA GLU B 152 -1.21 5.30 9.13
C GLU B 152 -2.32 5.04 10.14
N ALA B 153 -3.33 4.31 9.71
CA ALA B 153 -4.44 3.99 10.58
C ALA B 153 -4.67 2.50 10.61
N VAL B 154 -4.82 1.99 11.83
CA VAL B 154 -5.06 0.58 12.07
C VAL B 154 -6.39 0.46 12.84
N THR B 155 -7.31 -0.32 12.31
CA THR B 155 -8.58 -0.54 12.98
C THR B 155 -8.66 -1.97 13.49
N TYR B 156 -9.28 -2.12 14.65
CA TYR B 156 -9.49 -3.42 15.28
C TYR B 156 -11.00 -3.50 15.39
N THR B 157 -11.63 -4.33 14.55
CA THR B 157 -13.09 -4.45 14.57
C THR B 157 -13.58 -5.86 14.85
N GLY B 158 -14.87 -5.99 15.13
CA GLY B 158 -15.45 -7.28 15.41
C GLY B 158 -14.98 -7.82 16.74
N LEU B 159 -14.83 -6.92 17.71
CA LEU B 159 -14.37 -7.31 19.04
C LEU B 159 -15.55 -7.74 19.89
N ALA B 160 -15.82 -6.98 20.95
CA ALA B 160 -16.92 -7.26 21.85
C ALA B 160 -18.26 -7.29 21.12
N THR C 1 -15.22 1.15 29.48
CA THR C 1 -15.41 2.49 30.09
C THR C 1 -14.09 3.24 30.26
N THR C 2 -13.06 2.51 30.69
CA THR C 2 -11.74 3.09 30.91
C THR C 2 -10.62 2.20 30.37
N SER C 3 -10.67 1.92 29.07
CA SER C 3 -9.66 1.10 28.41
C SER C 3 -8.29 1.77 28.53
N ALA C 4 -7.23 1.04 28.25
CA ALA C 4 -5.90 1.62 28.35
C ALA C 4 -4.92 1.22 27.24
N VAL C 5 -4.04 2.14 26.90
CA VAL C 5 -3.02 1.94 25.89
C VAL C 5 -1.64 2.02 26.55
N ASN C 6 -0.81 1.01 26.31
CA ASN C 6 0.54 0.97 26.87
C ASN C 6 1.51 0.67 25.76
N ILE C 7 2.62 1.40 25.75
CA ILE C 7 3.64 1.23 24.73
C ILE C 7 4.96 0.72 25.30
N TYR C 8 5.54 -0.27 24.63
CA TYR C 8 6.79 -0.86 25.06
C TYR C 8 7.81 -1.04 23.94
N ASN C 9 9.07 -0.86 24.26
CA ASN C 9 10.14 -1.06 23.28
C ASN C 9 10.81 -2.35 23.73
N ILE C 10 10.78 -3.37 22.90
CA ILE C 10 11.41 -4.62 23.28
C ILE C 10 12.66 -4.92 22.45
N SER C 11 13.81 -4.94 23.10
CA SER C 11 15.07 -5.26 22.45
C SER C 11 15.18 -6.78 22.38
N ALA C 12 15.80 -7.27 21.31
CA ALA C 12 15.99 -8.70 21.12
C ALA C 12 16.79 -9.27 22.31
N GLY C 13 16.32 -10.40 22.82
CA GLY C 13 16.96 -11.04 23.95
C GLY C 13 16.30 -10.66 25.27
N ALA C 14 15.39 -9.70 25.22
CA ALA C 14 14.73 -9.25 26.44
C ALA C 14 13.29 -9.65 26.65
N SER C 15 12.82 -9.39 27.87
CA SER C 15 11.44 -9.63 28.27
C SER C 15 11.06 -8.41 29.09
N VAL C 16 9.83 -7.93 28.93
CA VAL C 16 9.38 -6.77 29.66
C VAL C 16 8.16 -7.10 30.52
N ASP C 17 8.06 -6.45 31.67
CA ASP C 17 6.92 -6.66 32.56
C ASP C 17 5.83 -5.68 32.17
N LEU C 18 4.65 -6.19 31.88
CA LEU C 18 3.56 -5.33 31.47
C LEU C 18 3.03 -4.48 32.61
N ALA C 19 2.83 -3.19 32.35
CA ALA C 19 2.30 -2.30 33.37
C ALA C 19 0.86 -2.72 33.62
N ALA C 20 0.22 -3.20 32.57
CA ALA C 20 -1.16 -3.66 32.64
C ALA C 20 -1.24 -5.03 32.00
N PRO C 21 -1.71 -6.03 32.74
CA PRO C 21 -1.81 -7.39 32.21
C PRO C 21 -2.81 -7.54 31.08
N VAL C 22 -2.56 -8.54 30.24
CA VAL C 22 -3.42 -8.83 29.11
C VAL C 22 -4.29 -10.03 29.43
N THR C 23 -5.60 -9.84 29.37
CA THR C 23 -6.54 -10.91 29.67
C THR C 23 -7.60 -11.02 28.58
N THR C 24 -8.57 -11.92 28.79
CA THR C 24 -9.63 -12.14 27.83
C THR C 24 -10.24 -10.84 27.28
N GLY C 25 -10.24 -10.72 25.96
CA GLY C 25 -10.78 -9.53 25.32
C GLY C 25 -9.76 -8.46 24.97
N ASP C 26 -8.58 -8.50 25.60
CA ASP C 26 -7.56 -7.51 25.32
C ASP C 26 -6.74 -7.87 24.08
N ILE C 27 -5.93 -6.91 23.62
CA ILE C 27 -5.13 -7.11 22.42
C ILE C 27 -3.66 -6.73 22.59
N VAL C 28 -2.80 -7.39 21.82
CA VAL C 28 -1.37 -7.11 21.83
C VAL C 28 -0.88 -7.09 20.38
N THR C 29 -0.21 -6.01 19.98
CA THR C 29 0.31 -5.91 18.62
C THR C 29 1.81 -5.64 18.64
N PHE C 30 2.54 -6.38 17.81
CA PHE C 30 3.98 -6.19 17.69
C PHE C 30 4.26 -5.50 16.38
N PHE C 31 5.12 -4.49 16.42
CA PHE C 31 5.48 -3.74 15.23
C PHE C 31 6.97 -3.93 14.93
N SER C 32 7.30 -4.29 13.69
CA SER C 32 8.69 -4.46 13.30
C SER C 32 8.97 -3.47 12.18
N SER C 33 10.08 -2.76 12.30
CA SER C 33 10.46 -1.77 11.29
C SER C 33 11.30 -2.34 10.15
N ALA C 34 11.44 -3.66 10.09
CA ALA C 34 12.21 -4.30 9.03
C ALA C 34 11.68 -5.71 8.77
N LEU C 35 12.00 -6.26 7.60
CA LEU C 35 11.57 -7.63 7.25
C LEU C 35 12.68 -8.30 6.45
N ASN C 36 13.23 -9.39 7.00
CA ASN C 36 14.33 -10.12 6.38
C ASN C 36 13.93 -11.57 6.17
N LEU C 37 13.23 -11.84 5.06
CA LEU C 37 12.77 -13.19 4.77
C LEU C 37 13.88 -14.11 4.22
N SER C 38 15.10 -13.57 4.14
CA SER C 38 16.24 -14.33 3.66
C SER C 38 17.47 -13.85 4.45
N ALA C 39 17.43 -14.05 5.77
CA ALA C 39 18.52 -13.60 6.63
C ALA C 39 19.41 -14.75 7.11
N GLY C 40 18.87 -15.97 7.10
CA GLY C 40 19.67 -17.11 7.55
C GLY C 40 18.86 -18.16 8.28
N ALA C 41 19.57 -19.06 8.96
CA ALA C 41 18.91 -20.13 9.70
C ALA C 41 18.88 -19.88 11.19
N GLY C 42 17.80 -20.33 11.83
CA GLY C 42 17.66 -20.16 13.27
C GLY C 42 18.12 -21.41 14.00
N SER C 43 18.54 -21.24 15.25
CA SER C 43 19.01 -22.37 16.04
C SER C 43 18.02 -22.83 17.10
N PRO C 44 16.80 -23.22 16.70
CA PRO C 44 16.22 -23.28 15.36
C PRO C 44 15.38 -22.05 14.99
N ASN C 45 14.86 -21.39 16.02
CA ASN C 45 14.01 -20.22 15.83
C ASN C 45 14.75 -18.94 15.43
N ASN C 46 14.39 -18.36 14.29
CA ASN C 46 15.02 -17.12 13.83
C ASN C 46 14.61 -16.00 14.80
N THR C 47 13.33 -15.98 15.13
CA THR C 47 12.79 -15.00 16.06
C THR C 47 11.58 -15.63 16.72
N ALA C 48 11.42 -15.37 18.00
CA ALA C 48 10.31 -15.91 18.76
C ALA C 48 9.70 -14.80 19.59
N LEU C 49 8.37 -14.77 19.62
CA LEU C 49 7.63 -13.78 20.40
C LEU C 49 6.88 -14.62 21.42
N ASN C 50 6.97 -14.24 22.69
CA ASN C 50 6.32 -15.03 23.74
C ASN C 50 5.42 -14.23 24.67
N LEU C 51 4.30 -14.84 25.05
CA LEU C 51 3.38 -14.27 26.01
C LEU C 51 3.54 -15.18 27.23
N LEU C 52 3.99 -14.59 28.34
CA LEU C 52 4.25 -15.35 29.55
C LEU C 52 3.34 -14.99 30.73
N SER C 53 3.03 -15.99 31.55
CA SER C 53 2.19 -15.80 32.74
C SER C 53 3.05 -15.38 33.92
N GLU C 54 2.40 -14.94 34.98
CA GLU C 54 3.09 -14.48 36.18
C GLU C 54 3.92 -15.59 36.81
N ASN C 55 3.61 -16.83 36.47
CA ASN C 55 4.30 -17.98 37.01
C ASN C 55 5.44 -18.41 36.09
N GLY C 56 5.62 -17.70 34.99
CA GLY C 56 6.69 -18.05 34.05
C GLY C 56 6.28 -18.98 32.92
N ALA C 57 5.03 -19.42 32.90
CA ALA C 57 4.56 -20.31 31.85
C ALA C 57 4.50 -19.61 30.48
N TYR C 58 4.72 -20.38 29.41
CA TYR C 58 4.66 -19.83 28.07
C TYR C 58 3.24 -20.00 27.53
N LEU C 59 2.38 -19.05 27.83
CA LEU C 59 0.99 -19.08 27.37
C LEU C 59 0.96 -19.28 25.86
N LEU C 60 1.73 -18.47 25.15
CA LEU C 60 1.82 -18.58 23.72
C LEU C 60 3.23 -18.31 23.27
N HIS C 61 3.73 -19.22 22.43
CA HIS C 61 5.07 -19.15 21.86
C HIS C 61 4.90 -19.09 20.34
N ILE C 62 5.45 -18.04 19.72
CA ILE C 62 5.37 -17.86 18.27
C ILE C 62 6.79 -17.88 17.73
N ALA C 63 7.09 -18.86 16.88
CA ALA C 63 8.44 -19.01 16.33
C ALA C 63 8.54 -19.08 14.81
N PHE C 64 9.39 -18.25 14.25
CA PHE C 64 9.61 -18.22 12.81
C PHE C 64 10.91 -18.92 12.43
N ARG C 65 10.77 -19.97 11.61
CA ARG C 65 11.90 -20.76 11.17
C ARG C 65 12.08 -20.75 9.65
N LEU C 66 12.98 -19.89 9.16
CA LEU C 66 13.26 -19.79 7.74
C LEU C 66 13.76 -21.12 7.17
N GLN C 67 14.82 -21.65 7.73
CA GLN C 67 15.39 -22.92 7.26
C GLN C 67 14.33 -24.02 7.16
N GLU C 68 13.38 -24.04 8.09
CA GLU C 68 12.30 -25.03 8.06
C GLU C 68 11.05 -24.45 7.41
N ASN C 69 11.13 -23.20 6.96
CA ASN C 69 10.01 -22.49 6.33
C ASN C 69 8.67 -22.74 7.03
N VAL C 70 8.61 -22.46 8.32
CA VAL C 70 7.37 -22.67 9.08
C VAL C 70 7.26 -21.71 10.27
N ILE C 71 6.05 -21.63 10.82
CA ILE C 71 5.77 -20.81 11.98
C ILE C 71 5.18 -21.78 13.00
N VAL C 72 5.76 -21.80 14.20
CA VAL C 72 5.30 -22.70 15.24
C VAL C 72 4.60 -22.00 16.39
N PHE C 73 3.51 -22.60 16.84
CA PHE C 73 2.75 -22.08 17.97
C PHE C 73 2.69 -23.18 19.02
N ASN C 74 3.13 -22.87 20.24
CA ASN C 74 3.10 -23.85 21.32
C ASN C 74 3.00 -23.18 22.67
N SER C 75 3.01 -23.99 23.73
CA SER C 75 2.91 -23.52 25.09
C SER C 75 3.60 -24.49 26.05
N ARG C 76 3.74 -24.10 27.31
CA ARG C 76 4.36 -24.96 28.32
C ARG C 76 4.45 -24.32 29.70
N GLN C 77 4.33 -25.14 30.75
CA GLN C 77 4.45 -24.64 32.12
C GLN C 77 5.94 -24.52 32.37
N PRO C 78 6.34 -23.76 33.39
CA PRO C 78 7.77 -23.63 33.66
C PRO C 78 8.35 -25.00 34.05
N ASN C 79 9.61 -25.22 33.71
CA ASN C 79 10.26 -26.49 34.04
C ASN C 79 9.36 -27.66 33.69
N ALA C 80 9.03 -27.75 32.41
CA ALA C 80 8.19 -28.81 31.88
C ALA C 80 8.50 -28.88 30.39
N PRO C 81 8.21 -30.01 29.74
CA PRO C 81 8.49 -30.13 28.31
C PRO C 81 7.54 -29.29 27.45
N TRP C 82 7.83 -29.18 26.15
CA TRP C 82 6.98 -28.42 25.23
C TRP C 82 5.73 -29.24 24.92
N LEU C 83 4.56 -28.58 24.93
CA LEU C 83 3.30 -29.29 24.66
C LEU C 83 2.98 -29.53 23.20
N VAL C 84 1.69 -29.65 22.89
CA VAL C 84 1.25 -29.91 21.53
C VAL C 84 1.44 -28.67 20.69
N GLU C 85 2.26 -28.77 19.65
CA GLU C 85 2.52 -27.61 18.82
C GLU C 85 1.77 -27.60 17.50
N GLN C 86 1.26 -26.42 17.15
CA GLN C 86 0.55 -26.19 15.90
C GLN C 86 1.50 -25.45 14.98
N ARG C 87 1.51 -25.81 13.71
CA ARG C 87 2.39 -25.15 12.75
C ARG C 87 1.68 -24.65 11.47
N VAL C 88 2.28 -23.62 10.86
CA VAL C 88 1.76 -23.02 9.64
C VAL C 88 2.91 -22.95 8.63
N SER C 89 2.70 -23.51 7.45
CA SER C 89 3.72 -23.54 6.42
C SER C 89 3.75 -22.26 5.59
N ASN C 90 4.88 -22.00 4.94
CA ASN C 90 5.03 -20.83 4.08
C ASN C 90 5.12 -19.52 4.87
N VAL C 91 6.33 -19.12 5.25
CA VAL C 91 6.53 -17.90 6.00
C VAL C 91 6.25 -16.67 5.13
N ALA C 92 6.99 -16.53 4.03
CA ALA C 92 6.82 -15.40 3.13
C ALA C 92 5.36 -15.19 2.73
N ASN C 93 4.66 -16.27 2.43
CA ASN C 93 3.26 -16.20 2.03
C ASN C 93 2.42 -15.42 3.03
N GLN C 94 2.85 -15.40 4.28
CA GLN C 94 2.09 -14.70 5.31
C GLN C 94 2.38 -13.21 5.36
N PHE C 95 3.58 -12.83 4.95
CA PHE C 95 4.00 -11.43 4.96
C PHE C 95 3.77 -10.74 3.62
N ILE C 96 2.98 -11.37 2.75
CA ILE C 96 2.70 -10.77 1.44
C ILE C 96 1.96 -9.47 1.68
N GLY C 97 2.51 -8.38 1.19
CA GLY C 97 1.87 -7.10 1.39
C GLY C 97 2.54 -6.32 2.51
N SER C 98 3.76 -6.70 2.86
CA SER C 98 4.49 -6.01 3.91
C SER C 98 5.20 -4.79 3.33
N GLY C 99 6.39 -5.00 2.79
CA GLY C 99 7.15 -3.91 2.22
C GLY C 99 8.03 -3.18 3.23
N GLY C 100 9.02 -3.89 3.76
CA GLY C 100 9.96 -3.32 4.71
C GLY C 100 9.54 -3.25 6.17
N LYS C 101 8.38 -3.81 6.50
CA LYS C 101 7.91 -3.78 7.88
C LYS C 101 6.72 -4.70 8.08
N ALA C 102 6.52 -5.13 9.31
CA ALA C 102 5.42 -6.03 9.59
C ALA C 102 4.80 -5.80 10.95
N MET C 103 3.63 -6.37 11.15
CA MET C 103 2.98 -6.28 12.44
C MET C 103 2.29 -7.61 12.73
N VAL C 104 2.35 -8.02 13.99
CA VAL C 104 1.76 -9.27 14.41
C VAL C 104 0.79 -8.92 15.52
N THR C 105 -0.46 -9.34 15.38
CA THR C 105 -1.46 -9.04 16.39
C THR C 105 -1.97 -10.30 17.04
N VAL C 106 -2.18 -10.24 18.35
CA VAL C 106 -2.70 -11.37 19.09
C VAL C 106 -3.96 -10.95 19.84
N PHE C 107 -5.08 -11.57 19.50
CA PHE C 107 -6.34 -11.27 20.16
C PHE C 107 -6.54 -12.36 21.23
N ASP C 108 -6.85 -11.96 22.46
CA ASP C 108 -7.09 -12.95 23.50
C ASP C 108 -8.60 -13.20 23.61
N HIS C 109 -9.06 -14.21 22.89
CA HIS C 109 -10.46 -14.59 22.87
C HIS C 109 -10.81 -15.50 24.05
N GLY C 110 -10.27 -15.19 25.23
CA GLY C 110 -10.55 -15.99 26.42
C GLY C 110 -10.10 -17.43 26.39
N ASP C 111 -10.74 -18.24 25.56
CA ASP C 111 -10.42 -19.66 25.44
C ASP C 111 -9.53 -19.95 24.25
N LYS C 112 -9.17 -18.90 23.52
CA LYS C 112 -8.30 -19.04 22.34
C LYS C 112 -7.49 -17.76 22.07
N TYR C 113 -6.48 -17.89 21.21
CA TYR C 113 -5.61 -16.77 20.82
C TYR C 113 -5.69 -16.65 19.30
N GLN C 114 -6.15 -15.51 18.80
CA GLN C 114 -6.22 -15.33 17.36
C GLN C 114 -4.99 -14.56 16.92
N VAL C 115 -4.18 -15.16 16.06
CA VAL C 115 -2.97 -14.51 15.60
C VAL C 115 -3.10 -13.98 14.19
N VAL C 116 -2.78 -12.70 14.01
CA VAL C 116 -2.89 -12.03 12.73
C VAL C 116 -1.56 -11.37 12.29
N ILE C 117 -1.21 -11.57 11.01
CA ILE C 117 0.01 -10.98 10.47
C ILE C 117 -0.44 -9.94 9.44
N ASN C 118 -0.23 -8.67 9.79
CA ASN C 118 -0.67 -7.57 8.95
C ASN C 118 -2.20 -7.67 8.96
N GLU C 119 -2.83 -7.98 7.82
CA GLU C 119 -4.29 -8.09 7.79
C GLU C 119 -4.76 -9.54 7.65
N LYS C 120 -3.82 -10.47 7.60
CA LYS C 120 -4.15 -11.88 7.42
C LYS C 120 -4.14 -12.75 8.69
N THR C 121 -5.26 -13.38 9.00
CA THR C 121 -5.36 -14.29 10.15
C THR C 121 -4.65 -15.59 9.77
N VAL C 122 -3.58 -15.95 10.49
CA VAL C 122 -2.85 -17.18 10.17
C VAL C 122 -3.33 -18.41 10.94
N ILE C 123 -3.89 -18.20 12.13
CA ILE C 123 -4.35 -19.34 12.92
C ILE C 123 -5.21 -18.94 14.11
N GLN C 124 -6.11 -19.83 14.48
CA GLN C 124 -6.97 -19.64 15.65
C GLN C 124 -6.40 -20.65 16.63
N TYR C 125 -5.56 -20.19 17.55
CA TYR C 125 -4.92 -21.06 18.53
C TYR C 125 -5.77 -21.36 19.76
N THR C 126 -5.86 -22.63 20.11
CA THR C 126 -6.61 -23.06 21.29
C THR C 126 -5.66 -23.05 22.48
N LYS C 127 -6.03 -22.32 23.53
CA LYS C 127 -5.20 -22.22 24.71
C LYS C 127 -4.99 -23.57 25.38
N GLN C 128 -3.72 -23.96 25.54
CA GLN C 128 -3.39 -25.22 26.19
C GLN C 128 -3.26 -24.89 27.66
N ILE C 129 -2.94 -23.63 27.92
CA ILE C 129 -2.79 -23.12 29.28
C ILE C 129 -3.55 -21.81 29.30
N SER C 130 -4.23 -21.52 30.41
CA SER C 130 -4.99 -20.29 30.52
C SER C 130 -4.31 -19.33 31.47
N GLY C 131 -4.88 -18.15 31.60
CA GLY C 131 -4.30 -17.16 32.50
C GLY C 131 -4.03 -15.84 31.80
N THR C 132 -3.74 -14.83 32.59
CA THR C 132 -3.45 -13.51 32.08
C THR C 132 -1.98 -13.42 31.71
N THR C 133 -1.65 -12.51 30.79
CA THR C 133 -0.28 -12.31 30.35
C THR C 133 0.31 -11.13 31.15
N SER C 134 1.43 -11.36 31.80
CA SER C 134 2.06 -10.31 32.61
C SER C 134 3.40 -9.83 32.08
N SER C 135 3.98 -10.58 31.15
CA SER C 135 5.25 -10.18 30.54
C SER C 135 5.37 -10.74 29.13
N LEU C 136 6.18 -10.10 28.30
CA LEU C 136 6.41 -10.51 26.92
C LEU C 136 7.89 -10.53 26.61
N SER C 137 8.31 -11.50 25.80
CA SER C 137 9.72 -11.61 25.43
C SER C 137 9.91 -11.74 23.91
N TYR C 138 11.03 -11.20 23.45
CA TYR C 138 11.41 -11.22 22.05
C TYR C 138 12.82 -11.83 21.99
N ASN C 139 12.88 -13.10 21.59
CA ASN C 139 14.14 -13.84 21.49
C ASN C 139 14.55 -14.07 20.04
N SER C 140 15.85 -14.07 19.80
CA SER C 140 16.37 -14.28 18.44
C SER C 140 17.61 -15.16 18.37
N THR C 141 17.92 -15.60 17.16
CA THR C 141 19.14 -16.36 16.93
C THR C 141 20.05 -15.24 16.46
N GLU C 142 21.19 -15.09 17.11
CA GLU C 142 22.13 -14.04 16.78
C GLU C 142 22.31 -13.77 15.29
N GLY C 143 21.93 -12.57 14.88
CA GLY C 143 22.09 -12.15 13.49
C GLY C 143 21.15 -12.65 12.41
N THR C 144 20.21 -13.53 12.74
CA THR C 144 19.31 -14.04 11.70
C THR C 144 17.82 -13.78 11.98
N SER C 145 17.52 -12.74 12.75
CA SER C 145 16.13 -12.41 13.06
C SER C 145 15.43 -11.76 11.85
N ILE C 146 14.17 -12.09 11.65
CA ILE C 146 13.41 -11.52 10.53
C ILE C 146 12.78 -10.18 10.90
N PHE C 147 12.99 -9.73 12.13
CA PHE C 147 12.45 -8.44 12.60
C PHE C 147 13.60 -7.54 13.02
N SER C 148 13.29 -6.26 13.24
CA SER C 148 14.26 -5.27 13.68
C SER C 148 14.81 -5.64 15.06
N THR C 149 16.00 -5.16 15.40
CA THR C 149 16.59 -5.48 16.70
C THR C 149 15.71 -5.00 17.85
N VAL C 150 14.93 -3.95 17.61
CA VAL C 150 14.01 -3.46 18.61
C VAL C 150 12.61 -3.58 18.02
N VAL C 151 11.70 -4.19 18.76
CA VAL C 151 10.33 -4.38 18.31
C VAL C 151 9.40 -3.61 19.24
N GLU C 152 8.51 -2.82 18.67
CA GLU C 152 7.55 -2.06 19.47
C GLU C 152 6.30 -2.88 19.73
N ALA C 153 5.79 -2.80 20.95
CA ALA C 153 4.57 -3.51 21.30
C ALA C 153 3.58 -2.54 21.93
N VAL C 154 2.33 -2.64 21.48
CA VAL C 154 1.23 -1.82 21.96
C VAL C 154 0.14 -2.76 22.47
N THR C 155 -0.28 -2.58 23.72
CA THR C 155 -1.34 -3.40 24.29
C THR C 155 -2.59 -2.55 24.48
N TYR C 156 -3.75 -3.16 24.26
CA TYR C 156 -5.03 -2.50 24.45
C TYR C 156 -5.74 -3.35 25.49
N THR C 157 -5.79 -2.89 26.74
CA THR C 157 -6.43 -3.65 27.81
C THR C 157 -7.65 -2.97 28.41
N GLY C 158 -8.38 -3.72 29.23
CA GLY C 158 -9.56 -3.18 29.87
C GLY C 158 -10.67 -2.93 28.87
N LEU C 159 -10.80 -3.83 27.91
CA LEU C 159 -11.82 -3.71 26.88
C LEU C 159 -13.11 -4.38 27.34
N ALA C 160 -13.50 -5.44 26.64
CA ALA C 160 -14.71 -6.18 26.97
C ALA C 160 -14.68 -6.71 28.40
N THR D 1 9.63 11.43 -29.70
CA THR D 1 8.75 12.45 -30.33
C THR D 1 7.32 11.94 -30.50
N THR D 2 7.18 10.68 -30.89
CA THR D 2 5.86 10.08 -31.08
C THR D 2 5.77 8.66 -30.52
N SER D 3 5.93 8.56 -29.19
CA SER D 3 5.85 7.27 -28.51
C SER D 3 4.44 6.70 -28.67
N ALA D 4 4.27 5.42 -28.34
CA ALA D 4 2.95 4.81 -28.47
C ALA D 4 2.62 3.82 -27.35
N VAL D 5 1.34 3.80 -26.99
CA VAL D 5 0.84 2.91 -25.95
C VAL D 5 -0.13 1.92 -26.60
N ASN D 6 0.05 0.63 -26.32
CA ASN D 6 -0.82 -0.40 -26.88
C ASN D 6 -1.25 -1.32 -25.77
N ILE D 7 -2.55 -1.59 -25.71
CA ILE D 7 -3.13 -2.44 -24.68
C ILE D 7 -3.59 -3.78 -25.25
N TYR D 8 -3.28 -4.86 -24.54
CA TYR D 8 -3.64 -6.20 -24.98
C TYR D 8 -4.20 -7.02 -23.82
N ASN D 9 -5.17 -7.86 -24.12
CA ASN D 9 -5.73 -8.75 -23.12
C ASN D 9 -5.23 -10.11 -23.57
N ILE D 10 -4.52 -10.81 -22.69
CA ILE D 10 -4.01 -12.12 -23.04
C ILE D 10 -4.60 -13.26 -22.20
N SER D 11 -5.40 -14.11 -22.83
CA SER D 11 -5.99 -15.25 -22.14
C SER D 11 -4.92 -16.31 -22.03
N ALA D 12 -4.98 -17.09 -20.95
CA ALA D 12 -4.04 -18.18 -20.72
C ALA D 12 -4.12 -19.19 -21.88
N GLY D 13 -2.97 -19.58 -22.39
CA GLY D 13 -2.91 -20.52 -23.48
C GLY D 13 -2.75 -19.84 -24.83
N ALA D 14 -2.75 -18.51 -24.84
CA ALA D 14 -2.65 -17.81 -26.11
C ALA D 14 -1.42 -16.94 -26.33
N SER D 15 -1.28 -16.47 -27.56
CA SER D 15 -0.20 -15.58 -27.95
C SER D 15 -0.84 -14.48 -28.80
N VAL D 16 -0.40 -13.25 -28.62
CA VAL D 16 -0.97 -12.14 -29.39
C VAL D 16 0.11 -11.47 -30.23
N ASP D 17 -0.27 -11.04 -31.43
CA ASP D 17 0.66 -10.37 -32.33
C ASP D 17 0.65 -8.89 -31.98
N LEU D 18 1.81 -8.35 -31.65
CA LEU D 18 1.87 -6.94 -31.29
C LEU D 18 1.62 -6.03 -32.48
N ALA D 19 0.80 -5.01 -32.27
CA ALA D 19 0.50 -4.05 -33.31
C ALA D 19 1.78 -3.25 -33.57
N ALA D 20 2.56 -3.08 -32.50
CA ALA D 20 3.81 -2.34 -32.58
C ALA D 20 4.88 -3.18 -31.91
N PRO D 21 5.97 -3.48 -32.63
CA PRO D 21 7.04 -4.29 -32.05
C PRO D 21 7.81 -3.63 -30.92
N VAL D 22 8.33 -4.47 -30.04
CA VAL D 22 9.11 -4.01 -28.92
C VAL D 22 10.58 -4.17 -29.24
N THR D 23 11.34 -3.08 -29.15
CA THR D 23 12.76 -3.10 -29.43
C THR D 23 13.55 -2.36 -28.35
N THR D 24 14.86 -2.24 -28.56
CA THR D 24 15.76 -1.58 -27.62
C THR D 24 15.22 -0.24 -27.10
N GLY D 25 15.06 -0.16 -25.78
CA GLY D 25 14.55 1.05 -25.16
C GLY D 25 13.07 1.03 -24.82
N ASP D 26 12.31 0.11 -25.42
CA ASP D 26 10.89 0.03 -25.16
C ASP D 26 10.58 -0.80 -23.91
N ILE D 27 9.32 -0.78 -23.50
CA ILE D 27 8.89 -1.48 -22.28
C ILE D 27 7.64 -2.33 -22.45
N VAL D 28 7.57 -3.39 -21.63
CA VAL D 28 6.42 -4.27 -21.64
C VAL D 28 6.06 -4.55 -20.19
N THR D 29 4.80 -4.31 -19.81
CA THR D 29 4.36 -4.61 -18.45
C THR D 29 3.15 -5.52 -18.50
N PHE D 30 3.16 -6.53 -17.62
CA PHE D 30 2.07 -7.48 -17.52
C PHE D 30 1.37 -7.22 -16.22
N PHE D 31 0.04 -7.18 -16.26
CA PHE D 31 -0.76 -6.93 -15.07
C PHE D 31 -1.62 -8.16 -14.77
N SER D 32 -1.56 -8.63 -13.52
CA SER D 32 -2.35 -9.79 -13.10
C SER D 32 -3.27 -9.34 -11.98
N SER D 33 -4.56 -9.61 -12.15
CA SER D 33 -5.55 -9.22 -11.17
C SER D 33 -5.69 -10.21 -10.00
N ALA D 34 -4.78 -11.18 -9.92
CA ALA D 34 -4.82 -12.17 -8.84
C ALA D 34 -3.43 -12.71 -8.57
N LEU D 35 -3.25 -13.28 -7.38
CA LEU D 35 -1.96 -13.87 -7.01
C LEU D 35 -2.23 -15.13 -6.18
N ASN D 36 -1.78 -16.28 -6.68
CA ASN D 36 -1.98 -17.57 -6.02
C ASN D 36 -0.65 -18.23 -5.75
N LEU D 37 0.01 -17.83 -4.66
CA LEU D 37 1.31 -18.40 -4.31
C LEU D 37 1.24 -19.81 -3.73
N SER D 38 0.04 -20.38 -3.67
CA SER D 38 -0.15 -21.74 -3.17
C SER D 38 -1.31 -22.39 -3.93
N ALA D 39 -1.17 -22.46 -5.25
CA ALA D 39 -2.22 -23.04 -6.09
C ALA D 39 -1.95 -24.49 -6.51
N GLY D 40 -0.67 -24.88 -6.51
CA GLY D 40 -0.33 -26.24 -6.90
C GLY D 40 0.98 -26.37 -7.65
N ALA D 41 1.18 -27.50 -8.31
CA ALA D 41 2.42 -27.75 -9.06
C ALA D 41 2.26 -27.61 -10.56
N GLY D 42 3.28 -27.07 -11.21
CA GLY D 42 3.28 -26.90 -12.64
C GLY D 42 3.93 -28.10 -13.32
N SER D 43 3.57 -28.33 -14.58
CA SER D 43 4.12 -29.45 -15.34
C SER D 43 5.12 -29.03 -16.40
N PRO D 44 6.24 -28.38 -16.00
CA PRO D 44 6.66 -28.00 -14.65
C PRO D 44 6.30 -26.55 -14.31
N ASN D 45 6.14 -25.71 -15.34
CA ASN D 45 5.82 -24.29 -15.18
C ASN D 45 4.37 -23.97 -14.80
N ASN D 46 4.15 -23.33 -13.65
CA ASN D 46 2.80 -22.96 -13.25
C ASN D 46 2.27 -21.92 -14.25
N THR D 47 3.10 -20.93 -14.54
CA THR D 47 2.73 -19.93 -15.53
C THR D 47 4.00 -19.47 -16.20
N ALA D 48 3.91 -19.20 -17.49
CA ALA D 48 5.04 -18.75 -18.27
C ALA D 48 4.65 -17.56 -19.12
N LEU D 49 5.54 -16.58 -19.20
CA LEU D 49 5.31 -15.40 -20.02
C LEU D 49 6.45 -15.43 -21.04
N ASN D 50 6.13 -15.23 -22.32
CA ASN D 50 7.15 -15.29 -23.35
C ASN D 50 7.17 -14.13 -24.32
N LEU D 51 8.38 -13.68 -24.64
CA LEU D 51 8.58 -12.62 -25.63
C LEU D 51 9.14 -13.38 -26.84
N LEU D 52 8.41 -13.31 -27.96
CA LEU D 52 8.82 -14.04 -29.16
C LEU D 52 9.18 -13.17 -30.36
N SER D 53 10.16 -13.65 -31.13
CA SER D 53 10.62 -12.95 -32.34
C SER D 53 9.72 -13.32 -33.51
N GLU D 54 9.83 -12.57 -34.60
CA GLU D 54 9.02 -12.80 -35.79
C GLU D 54 9.30 -14.16 -36.43
N ASN D 55 10.40 -14.77 -36.03
CA ASN D 55 10.82 -16.05 -36.55
C ASN D 55 10.35 -17.19 -35.66
N GLY D 56 9.79 -16.84 -34.51
CA GLY D 56 9.31 -17.86 -33.59
C GLY D 56 10.26 -18.18 -32.45
N ALA D 57 11.40 -17.52 -32.41
CA ALA D 57 12.37 -17.75 -31.35
C ALA D 57 11.88 -17.18 -30.02
N TYR D 58 12.28 -17.81 -28.91
CA TYR D 58 11.91 -17.34 -27.59
C TYR D 58 12.98 -16.40 -27.05
N LEU D 59 12.87 -15.12 -27.40
CA LEU D 59 13.79 -14.10 -26.93
C LEU D 59 13.93 -14.18 -25.43
N LEU D 60 12.79 -14.18 -24.74
CA LEU D 60 12.79 -14.31 -23.29
C LEU D 60 11.63 -15.18 -22.83
N HIS D 61 11.96 -16.14 -21.97
CA HIS D 61 11.01 -17.09 -21.39
C HIS D 61 11.08 -16.89 -19.87
N ILE D 62 9.93 -16.61 -19.25
CA ILE D 62 9.84 -16.39 -17.80
C ILE D 62 8.89 -17.44 -17.22
N ALA D 63 9.41 -18.33 -16.37
CA ALA D 63 8.60 -19.38 -15.81
C ALA D 63 8.59 -19.44 -14.28
N PHE D 64 7.40 -19.56 -13.72
CA PHE D 64 7.23 -19.63 -12.29
C PHE D 64 6.88 -21.04 -11.87
N ARG D 65 7.76 -21.66 -11.07
CA ARG D 65 7.54 -23.02 -10.62
C ARG D 65 7.41 -23.09 -9.10
N LEU D 66 6.17 -23.16 -8.63
CA LEU D 66 5.88 -23.26 -7.21
C LEU D 66 6.55 -24.49 -6.58
N GLN D 67 6.22 -25.67 -7.09
CA GLN D 67 6.79 -26.91 -6.56
C GLN D 67 8.32 -26.86 -6.43
N GLU D 68 8.99 -26.23 -7.39
CA GLU D 68 10.46 -26.08 -7.35
C GLU D 68 10.86 -24.75 -6.74
N ASN D 69 9.87 -23.97 -6.29
CA ASN D 69 10.10 -22.66 -5.67
C ASN D 69 11.17 -21.83 -6.39
N VAL D 70 11.04 -21.65 -7.69
CA VAL D 70 12.02 -20.88 -8.46
C VAL D 70 11.40 -20.20 -9.68
N ILE D 71 12.14 -19.25 -10.24
CA ILE D 71 11.74 -18.52 -11.42
C ILE D 71 12.85 -18.70 -12.43
N VAL D 72 12.49 -19.20 -13.62
CA VAL D 72 13.48 -19.45 -14.67
C VAL D 72 13.40 -18.49 -15.84
N PHE D 73 14.57 -18.11 -16.32
CA PHE D 73 14.70 -17.21 -17.46
C PHE D 73 15.59 -17.90 -18.49
N ASN D 74 15.06 -18.10 -19.70
CA ASN D 74 15.85 -18.75 -20.73
C ASN D 74 15.46 -18.24 -22.10
N SER D 75 16.07 -18.82 -23.13
CA SER D 75 15.82 -18.45 -24.51
C SER D 75 16.07 -19.66 -25.40
N ARG D 76 15.66 -19.58 -26.66
CA ARG D 76 15.86 -20.65 -27.64
C ARG D 76 15.37 -20.26 -29.01
N GLN D 77 16.07 -20.76 -30.03
CA GLN D 77 15.73 -20.51 -31.41
C GLN D 77 14.64 -21.54 -31.72
N PRO D 78 13.83 -21.33 -32.77
CA PRO D 78 12.78 -22.32 -33.05
C PRO D 78 13.36 -23.67 -33.43
N ASN D 79 12.69 -24.74 -33.01
CA ASN D 79 13.17 -26.09 -33.33
C ASN D 79 14.64 -26.19 -32.97
N ALA D 80 14.91 -25.97 -31.69
CA ALA D 80 16.26 -26.04 -31.13
C ALA D 80 16.08 -26.29 -29.64
N PRO D 81 17.11 -26.79 -28.98
CA PRO D 81 16.99 -27.05 -27.53
C PRO D 81 17.01 -25.75 -26.71
N TRP D 82 16.65 -25.86 -25.43
CA TRP D 82 16.66 -24.73 -24.51
C TRP D 82 18.12 -24.36 -24.18
N LEU D 83 18.43 -23.07 -24.22
CA LEU D 83 19.78 -22.61 -23.96
C LEU D 83 20.19 -22.50 -22.49
N VAL D 84 21.10 -21.58 -22.20
CA VAL D 84 21.59 -21.40 -20.83
C VAL D 84 20.51 -20.71 -20.01
N GLU D 85 20.05 -21.37 -18.97
CA GLU D 85 19.00 -20.78 -18.15
C GLU D 85 19.46 -20.20 -16.83
N GLN D 86 18.97 -19.00 -16.55
CA GLN D 86 19.27 -18.29 -15.31
C GLN D 86 18.08 -18.47 -14.39
N ARG D 87 18.32 -18.75 -13.12
CA ARG D 87 17.23 -18.93 -12.17
C ARG D 87 17.32 -18.03 -10.94
N VAL D 88 16.16 -17.76 -10.34
CA VAL D 88 16.05 -16.94 -9.13
C VAL D 88 15.23 -17.71 -8.11
N SER D 89 15.78 -17.91 -6.92
CA SER D 89 15.09 -18.65 -5.86
C SER D 89 14.13 -17.78 -5.08
N ASN D 90 13.19 -18.42 -4.39
CA ASN D 90 12.19 -17.72 -3.56
C ASN D 90 11.16 -16.96 -4.38
N VAL D 91 10.06 -17.62 -4.72
CA VAL D 91 8.99 -16.99 -5.49
C VAL D 91 8.27 -15.92 -4.66
N ALA D 92 7.61 -16.35 -3.59
CA ALA D 92 6.87 -15.44 -2.72
C ALA D 92 7.71 -14.22 -2.33
N ASN D 93 8.98 -14.44 -1.99
CA ASN D 93 9.87 -13.34 -1.61
C ASN D 93 9.89 -12.23 -2.64
N GLN D 94 9.56 -12.57 -3.89
CA GLN D 94 9.57 -11.57 -4.94
C GLN D 94 8.27 -10.77 -4.99
N PHE D 95 7.17 -11.41 -4.59
CA PHE D 95 5.86 -10.77 -4.60
C PHE D 95 5.49 -10.13 -3.27
N ILE D 96 6.49 -9.90 -2.41
CA ILE D 96 6.24 -9.27 -1.13
C ILE D 96 5.78 -7.85 -1.41
N GLY D 97 4.59 -7.52 -0.92
CA GLY D 97 4.07 -6.19 -1.16
C GLY D 97 3.09 -6.19 -2.32
N SER D 98 2.50 -7.35 -2.61
CA SER D 98 1.52 -7.46 -3.69
C SER D 98 0.12 -7.14 -3.18
N GLY D 99 -0.53 -8.14 -2.60
CA GLY D 99 -1.87 -7.93 -2.07
C GLY D 99 -2.99 -8.16 -3.08
N GLY D 100 -3.09 -9.40 -3.58
CA GLY D 100 -4.14 -9.75 -4.54
C GLY D 100 -3.89 -9.42 -6.00
N LYS D 101 -2.70 -8.94 -6.33
CA LYS D 101 -2.38 -8.59 -7.71
C LYS D 101 -0.89 -8.36 -7.89
N ALA D 102 -0.43 -8.44 -9.13
CA ALA D 102 0.99 -8.25 -9.40
C ALA D 102 1.25 -7.68 -10.78
N MET D 103 2.45 -7.18 -10.97
CA MET D 103 2.84 -6.68 -12.27
C MET D 103 4.28 -7.05 -12.49
N VAL D 104 4.58 -7.43 -13.72
CA VAL D 104 5.91 -7.82 -14.13
C VAL D 104 6.28 -6.88 -15.26
N THR D 105 7.43 -6.25 -15.13
CA THR D 105 7.88 -5.33 -16.16
C THR D 105 9.16 -5.82 -16.80
N VAL D 106 9.28 -5.61 -18.10
CA VAL D 106 10.46 -6.01 -18.84
C VAL D 106 10.97 -4.81 -19.61
N PHE D 107 12.19 -4.38 -19.29
CA PHE D 107 12.79 -3.27 -20.00
C PHE D 107 13.73 -3.87 -21.04
N ASP D 108 13.67 -3.40 -22.28
CA ASP D 108 14.56 -3.91 -23.31
C ASP D 108 15.77 -2.98 -23.42
N HIS D 109 16.80 -3.31 -22.66
CA HIS D 109 18.03 -2.53 -22.65
C HIS D 109 18.95 -2.86 -23.82
N GLY D 110 18.36 -3.20 -24.97
CA GLY D 110 19.14 -3.52 -26.15
C GLY D 110 19.95 -4.81 -26.08
N ASP D 111 20.98 -4.82 -25.24
CA ASP D 111 21.83 -5.98 -25.09
C ASP D 111 21.44 -6.81 -23.89
N LYS D 112 20.42 -6.36 -23.17
CA LYS D 112 19.92 -7.07 -21.99
C LYS D 112 18.43 -6.81 -21.74
N TYR D 113 17.81 -7.64 -20.89
CA TYR D 113 16.40 -7.53 -20.50
C TYR D 113 16.34 -7.37 -18.98
N GLN D 114 15.78 -6.25 -18.51
CA GLN D 114 15.68 -6.04 -17.07
C GLN D 114 14.28 -6.46 -16.64
N VAL D 115 14.21 -7.40 -15.70
CA VAL D 115 12.91 -7.87 -15.26
C VAL D 115 12.59 -7.37 -13.86
N VAL D 116 11.42 -6.75 -13.73
CA VAL D 116 10.98 -6.20 -12.45
C VAL D 116 9.61 -6.73 -12.02
N ILE D 117 9.51 -7.13 -10.77
CA ILE D 117 8.25 -7.62 -10.23
C ILE D 117 7.78 -6.55 -9.25
N ASN D 118 6.72 -5.85 -9.62
CA ASN D 118 6.20 -4.74 -8.81
C ASN D 118 7.28 -3.67 -8.82
N GLU D 119 7.97 -3.45 -7.71
CA GLU D 119 9.02 -2.43 -7.69
C GLU D 119 10.40 -3.04 -7.52
N LYS D 120 10.45 -4.35 -7.36
CA LYS D 120 11.71 -5.05 -7.14
C LYS D 120 12.36 -5.67 -8.39
N THR D 121 13.57 -5.22 -8.73
CA THR D 121 14.30 -5.79 -9.86
C THR D 121 14.76 -7.18 -9.44
N VAL D 122 14.37 -8.22 -10.17
CA VAL D 122 14.77 -9.59 -9.82
C VAL D 122 15.99 -10.10 -10.57
N ILE D 123 16.27 -9.54 -11.73
CA ILE D 123 17.42 -9.98 -12.51
C ILE D 123 17.68 -9.11 -13.71
N GLN D 124 18.96 -9.03 -14.08
CA GLN D 124 19.40 -8.31 -15.26
C GLN D 124 19.79 -9.45 -16.20
N TYR D 125 18.90 -9.77 -17.14
CA TYR D 125 19.14 -10.86 -18.08
C TYR D 125 19.92 -10.44 -19.32
N THR D 126 20.95 -11.22 -19.65
CA THR D 126 21.77 -10.95 -20.82
C THR D 126 21.13 -11.67 -22.02
N LYS D 127 20.88 -10.94 -23.09
CA LYS D 127 20.26 -11.53 -24.27
C LYS D 127 21.12 -12.62 -24.89
N GLN D 128 20.55 -13.82 -25.02
CA GLN D 128 21.26 -14.92 -25.65
C GLN D 128 20.95 -14.85 -27.13
N ILE D 129 19.79 -14.27 -27.43
CA ILE D 129 19.33 -14.08 -28.79
C ILE D 129 18.89 -12.63 -28.88
N SER D 130 19.13 -12.00 -30.01
CA SER D 130 18.75 -10.60 -30.17
C SER D 130 17.58 -10.46 -31.13
N GLY D 131 17.09 -9.23 -31.29
CA GLY D 131 15.99 -8.99 -32.19
C GLY D 131 14.79 -8.35 -31.50
N THR D 132 13.87 -7.86 -32.31
CA THR D 132 12.66 -7.22 -31.82
C THR D 132 11.56 -8.22 -31.45
N THR D 133 10.73 -7.87 -30.47
CA THR D 133 9.63 -8.72 -30.05
C THR D 133 8.38 -8.38 -30.87
N SER D 134 7.80 -9.40 -31.50
CA SER D 134 6.62 -9.16 -32.33
C SER D 134 5.35 -9.85 -31.82
N SER D 135 5.51 -10.73 -30.85
CA SER D 135 4.35 -11.41 -30.27
C SER D 135 4.67 -11.86 -28.86
N LEU D 136 3.63 -12.05 -28.05
CA LEU D 136 3.78 -12.45 -26.66
C LEU D 136 2.82 -13.55 -26.33
N SER D 137 3.24 -14.46 -25.46
CA SER D 137 2.39 -15.57 -25.06
C SER D 137 2.35 -15.75 -23.54
N TYR D 138 1.22 -16.25 -23.06
CA TYR D 138 0.98 -16.51 -21.66
C TYR D 138 0.49 -17.95 -21.56
N ASN D 139 1.34 -18.85 -21.10
CA ASN D 139 1.01 -20.27 -20.99
C ASN D 139 0.90 -20.68 -19.52
N SER D 140 0.07 -21.67 -19.26
CA SER D 140 -0.12 -22.14 -17.90
C SER D 140 -0.32 -23.64 -17.80
N THR D 141 -0.21 -24.15 -16.59
CA THR D 141 -0.47 -25.55 -16.32
C THR D 141 -1.92 -25.47 -15.86
N GLU D 142 -2.79 -26.22 -16.51
CA GLU D 142 -4.21 -26.20 -16.20
C GLU D 142 -4.56 -26.14 -14.72
N GLY D 143 -5.20 -25.04 -14.32
CA GLY D 143 -5.62 -24.86 -12.94
C GLY D 143 -4.61 -24.49 -11.87
N THR D 144 -3.33 -24.36 -12.22
CA THR D 144 -2.34 -24.02 -11.20
C THR D 144 -1.54 -22.76 -11.51
N SER D 145 -2.09 -21.87 -12.32
CA SER D 145 -1.40 -20.63 -12.67
C SER D 145 -1.45 -19.66 -11.49
N ILE D 146 -0.36 -18.92 -11.29
CA ILE D 146 -0.29 -17.96 -10.19
C ILE D 146 -0.87 -16.59 -10.55
N PHE D 147 -1.30 -16.43 -11.80
CA PHE D 147 -1.90 -15.18 -12.26
C PHE D 147 -3.34 -15.45 -12.71
N SER D 148 -4.08 -14.37 -12.95
CA SER D 148 -5.47 -14.45 -13.41
C SER D 148 -5.54 -15.14 -14.77
N THR D 149 -6.70 -15.68 -15.13
CA THR D 149 -6.84 -16.36 -16.41
C THR D 149 -6.60 -15.40 -17.58
N VAL D 150 -6.87 -14.13 -17.37
CA VAL D 150 -6.63 -13.13 -18.39
C VAL D 150 -5.60 -12.18 -17.79
N VAL D 151 -4.56 -11.90 -18.54
CA VAL D 151 -3.49 -11.00 -18.08
C VAL D 151 -3.41 -9.84 -19.04
N GLU D 152 -3.39 -8.63 -18.51
CA GLU D 152 -3.31 -7.44 -19.36
C GLU D 152 -1.86 -7.05 -19.61
N ALA D 153 -1.59 -6.60 -20.82
CA ALA D 153 -0.24 -6.19 -21.17
C ALA D 153 -0.26 -4.84 -21.86
N VAL D 154 0.60 -3.96 -21.38
CA VAL D 154 0.75 -2.61 -21.90
C VAL D 154 2.19 -2.46 -22.42
N THR D 155 2.33 -2.00 -23.66
CA THR D 155 3.66 -1.78 -24.23
C THR D 155 3.85 -0.31 -24.50
N TYR D 156 5.05 0.16 -24.20
CA TYR D 156 5.45 1.54 -24.42
C TYR D 156 6.57 1.43 -25.44
N THR D 157 6.29 1.78 -26.70
CA THR D 157 7.31 1.69 -27.75
C THR D 157 7.61 3.02 -28.41
N GLY D 158 8.69 3.05 -29.19
CA GLY D 158 9.08 4.26 -29.87
C GLY D 158 9.66 5.27 -28.90
N LEU D 159 10.37 4.77 -27.90
CA LEU D 159 10.95 5.63 -26.90
C LEU D 159 12.30 6.15 -27.36
N ALA D 160 13.35 5.81 -26.62
CA ALA D 160 14.70 6.23 -26.95
C ALA D 160 15.10 5.82 -28.37
#